data_8W7H
#
_entry.id   8W7H
#
_cell.length_a   95.610
_cell.length_b   95.610
_cell.length_c   138.200
_cell.angle_alpha   90.000
_cell.angle_beta   90.000
_cell.angle_gamma   120.000
#
_symmetry.space_group_name_H-M   'H 3 2'
#
loop_
_entity.id
_entity.type
_entity.pdbx_description
1 polymer 'Purine nucleoside phosphorylase'
2 non-polymer (2R)-1-(9H-carbazol-9-yl)-3-(cyclopentylamino)propan-2-ol
3 non-polymer 1,2-ETHANEDIOL
4 non-polymer 'SODIUM ION'
5 non-polymer 'PHOSPHATE ION'
6 water water
#
_entity_poly.entity_id   1
_entity_poly.type   'polypeptide(L)'
_entity_poly.pdbx_seq_one_letter_code
;MDNLLRHLKISKEQITPVVLVVGDPGRVDKIKVVCDSYVDLAYNREYKSVECHYKGQKFLCVSHGVGSAGCAVCFEELCQ
NGAKVIIRAGSCGSLQPDLIKRGDICICNAAVREDRVSHLLIHGDFPAVGDFDVYDTLNKCAQELNVPVFNGISVSSDMY
YPNKIIPSRLEDYSKANAAVVEMELATLMVIGTLRKVKTGGILIVDGCPFKWDEGDFDNNLVPHQLENMIKIALGACAKL
ATKYAAHHHHHH
;
_entity_poly.pdbx_strand_id   A
#
# COMPACT_ATOMS: atom_id res chain seq x y z
N LEU A 4 8.88 -20.39 -11.86
CA LEU A 4 9.03 -19.02 -11.32
C LEU A 4 7.90 -18.11 -11.81
N LEU A 5 7.45 -17.18 -10.96
CA LEU A 5 6.45 -16.18 -11.39
C LEU A 5 7.02 -15.44 -12.60
N ARG A 6 6.18 -15.18 -13.60
CA ARG A 6 6.67 -14.63 -14.88
C ARG A 6 7.42 -13.32 -14.71
N HIS A 7 6.92 -12.39 -13.89
CA HIS A 7 7.55 -11.05 -13.85
C HIS A 7 8.27 -10.78 -12.53
N LEU A 8 7.77 -11.30 -11.41
CA LEU A 8 8.44 -11.13 -10.09
C LEU A 8 9.70 -12.00 -10.04
N LYS A 9 9.73 -13.07 -10.84
CA LYS A 9 10.94 -13.93 -10.95
C LYS A 9 11.26 -14.61 -9.62
N ILE A 10 10.24 -14.94 -8.82
CA ILE A 10 10.42 -15.72 -7.61
C ILE A 10 9.52 -16.94 -7.72
N SER A 11 9.73 -17.89 -6.82
CA SER A 11 8.91 -19.12 -6.81
C SER A 11 7.74 -18.97 -5.85
N LYS A 12 6.72 -19.79 -6.05
CA LYS A 12 5.57 -19.80 -5.13
C LYS A 12 6.06 -20.23 -3.75
N GLU A 13 7.10 -21.02 -3.64
CA GLU A 13 7.59 -21.40 -2.28
C GLU A 13 8.19 -20.21 -1.52
N GLN A 14 8.61 -19.16 -2.23
CA GLN A 14 9.24 -17.99 -1.60
C GLN A 14 8.17 -16.97 -1.17
N ILE A 15 6.92 -17.22 -1.55
CA ILE A 15 5.83 -16.27 -1.20
C ILE A 15 5.37 -16.51 0.24
N THR A 16 5.56 -15.51 1.08
CA THR A 16 5.11 -15.55 2.46
C THR A 16 3.64 -15.19 2.55
N PRO A 17 2.96 -15.60 3.63
CA PRO A 17 1.55 -15.21 3.78
C PRO A 17 1.33 -13.71 3.80
N VAL A 18 2.25 -12.97 4.40
CA VAL A 18 2.18 -11.51 4.47
C VAL A 18 3.23 -10.93 3.53
N VAL A 19 2.83 -9.94 2.74
CA VAL A 19 3.72 -9.22 1.85
C VAL A 19 3.51 -7.72 2.04
N LEU A 20 4.60 -6.99 2.20
CA LEU A 20 4.60 -5.54 2.22
C LEU A 20 5.00 -5.06 0.82
N VAL A 21 4.15 -4.24 0.20
CA VAL A 21 4.44 -3.74 -1.13
C VAL A 21 4.68 -2.24 -1.07
N VAL A 22 5.62 -1.77 -1.90
CA VAL A 22 5.97 -0.36 -2.05
C VAL A 22 6.17 -0.13 -3.54
N GLY A 23 6.20 1.14 -3.94
CA GLY A 23 6.29 1.47 -5.35
C GLY A 23 7.71 1.44 -5.90
N ASP A 24 8.65 2.00 -5.14
CA ASP A 24 10.02 2.23 -5.59
C ASP A 24 10.90 1.04 -5.20
N PRO A 25 11.57 0.39 -6.16
CA PRO A 25 12.55 -0.65 -5.79
C PRO A 25 13.58 -0.17 -4.79
N GLY A 26 13.92 1.10 -4.85
CA GLY A 26 14.88 1.64 -3.88
C GLY A 26 14.36 1.62 -2.46
N ARG A 27 13.06 1.81 -2.28
CA ARG A 27 12.48 1.83 -0.92
C ARG A 27 12.57 0.42 -0.33
N VAL A 28 12.51 -0.60 -1.18
CA VAL A 28 12.73 -1.98 -0.66
C VAL A 28 14.11 -2.02 0.01
N ASP A 29 15.13 -1.54 -0.69
CA ASP A 29 16.47 -1.60 -0.12
C ASP A 29 16.55 -0.80 1.17
N LYS A 30 15.82 0.30 1.25
CA LYS A 30 15.85 1.14 2.48
C LYS A 30 15.08 0.42 3.60
N ILE A 31 14.04 -0.33 3.24
CA ILE A 31 13.27 -1.05 4.25
C ILE A 31 14.05 -2.27 4.74
N LYS A 32 14.67 -3.02 3.83
CA LYS A 32 15.23 -4.31 4.24
C LYS A 32 16.35 -4.14 5.26
N VAL A 33 17.09 -3.03 5.22
CA VAL A 33 18.20 -2.84 6.16
C VAL A 33 17.75 -2.44 7.55
N VAL A 34 16.49 -2.02 7.75
CA VAL A 34 16.03 -1.74 9.10
C VAL A 34 15.35 -2.95 9.73
N CYS A 35 15.16 -4.03 9.00
CA CYS A 35 14.72 -5.29 9.58
C CYS A 35 15.89 -5.94 10.33
N ASP A 36 15.62 -7.06 11.00
CA ASP A 36 16.68 -7.76 11.74
C ASP A 36 17.69 -8.41 10.79
N SER A 37 17.20 -8.92 9.67
CA SER A 37 18.02 -9.50 8.61
C SER A 37 17.13 -9.61 7.39
N TYR A 38 17.72 -10.02 6.27
CA TYR A 38 16.95 -10.14 5.02
C TYR A 38 17.61 -11.07 4.01
N VAL A 39 16.86 -11.50 3.00
CA VAL A 39 17.41 -12.34 1.92
C VAL A 39 16.97 -11.75 0.57
N ASP A 40 17.90 -11.19 -0.20
CA ASP A 40 17.58 -10.68 -1.56
C ASP A 40 17.07 -11.85 -2.40
N LEU A 41 15.94 -11.68 -3.09
CA LEU A 41 15.35 -12.77 -3.85
C LEU A 41 15.46 -12.57 -5.35
N ALA A 42 15.02 -11.43 -5.87
CA ALA A 42 15.00 -11.22 -7.31
C ALA A 42 14.86 -9.73 -7.58
N TYR A 43 15.26 -9.34 -8.79
CA TYR A 43 15.06 -7.96 -9.25
C TYR A 43 14.88 -8.00 -10.78
N ASN A 44 13.66 -7.78 -11.23
CA ASN A 44 13.32 -7.83 -12.64
C ASN A 44 12.39 -6.66 -12.97
N ARG A 45 12.76 -5.88 -13.98
CA ARG A 45 12.02 -4.64 -14.30
C ARG A 45 11.97 -3.80 -13.02
N GLU A 46 10.83 -3.22 -12.67
CA GLU A 46 10.68 -2.46 -11.44
C GLU A 46 10.27 -3.33 -10.26
N TYR A 47 10.26 -4.66 -10.43
CA TYR A 47 9.79 -5.57 -9.38
C TYR A 47 11.00 -6.14 -8.64
N LYS A 48 11.24 -5.60 -7.43
CA LYS A 48 12.34 -6.09 -6.56
C LYS A 48 11.75 -6.80 -5.35
N SER A 49 12.20 -8.01 -5.10
CA SER A 49 11.62 -8.83 -4.01
C SER A 49 12.70 -9.19 -2.97
N VAL A 50 12.41 -8.95 -1.71
CA VAL A 50 13.37 -9.30 -0.61
C VAL A 50 12.57 -9.97 0.51
N GLU A 51 13.17 -10.97 1.17
CA GLU A 51 12.51 -11.62 2.33
C GLU A 51 12.97 -10.93 3.59
N CYS A 52 12.03 -10.34 4.31
CA CYS A 52 12.39 -9.56 5.51
C CYS A 52 12.20 -10.40 6.78
N HIS A 53 13.13 -10.25 7.71
CA HIS A 53 13.03 -10.91 9.01
C HIS A 53 12.90 -9.83 10.07
N TYR A 54 11.79 -9.86 10.83
CA TYR A 54 11.47 -8.76 11.73
C TYR A 54 10.66 -9.27 12.90
N LYS A 55 11.13 -9.02 14.12
CA LYS A 55 10.40 -9.40 15.36
C LYS A 55 10.03 -10.89 15.33
N GLY A 56 10.90 -11.73 14.80
CA GLY A 56 10.67 -13.19 14.85
C GLY A 56 9.87 -13.70 13.69
N GLN A 57 9.44 -12.79 12.82
CA GLN A 57 8.57 -13.20 11.73
C GLN A 57 9.27 -12.94 10.41
N LYS A 58 8.72 -13.52 9.33
CA LYS A 58 9.26 -13.31 8.00
C LYS A 58 8.14 -12.95 7.04
N PHE A 59 8.44 -12.00 6.15
CA PHE A 59 7.47 -11.55 5.18
C PHE A 59 8.23 -10.88 4.04
N LEU A 60 7.69 -11.02 2.82
CA LEU A 60 8.34 -10.39 1.69
C LEU A 60 8.12 -8.89 1.71
N CYS A 61 9.06 -8.16 1.12
CA CYS A 61 8.86 -6.78 0.68
C CYS A 61 9.13 -6.72 -0.81
N VAL A 62 8.14 -6.28 -1.57
CA VAL A 62 8.18 -6.30 -3.04
C VAL A 62 7.78 -4.94 -3.56
N SER A 63 8.54 -4.43 -4.54
CA SER A 63 8.16 -3.20 -5.23
C SER A 63 7.21 -3.51 -6.37
N HIS A 64 6.21 -2.64 -6.58
CA HIS A 64 5.18 -2.85 -7.60
C HIS A 64 5.24 -1.83 -8.73
N GLY A 65 6.12 -0.84 -8.67
CA GLY A 65 6.22 0.14 -9.73
C GLY A 65 5.16 1.22 -9.61
N VAL A 66 5.23 2.17 -10.54
CA VAL A 66 4.31 3.31 -10.57
C VAL A 66 3.09 2.95 -11.40
N GLY A 67 1.90 3.09 -10.81
CA GLY A 67 0.68 3.09 -11.60
C GLY A 67 -0.07 1.77 -11.55
N SER A 68 -1.38 1.87 -11.82
CA SER A 68 -2.31 0.77 -11.56
C SER A 68 -2.04 -0.45 -12.45
N ALA A 69 -1.82 -0.23 -13.76
CA ALA A 69 -1.63 -1.38 -14.66
C ALA A 69 -0.36 -2.13 -14.33
N GLY A 70 0.70 -1.40 -13.97
CA GLY A 70 1.95 -2.07 -13.61
C GLY A 70 1.87 -2.77 -12.27
N CYS A 71 1.20 -2.17 -11.29
CA CYS A 71 1.14 -2.83 -9.99
C CYS A 71 0.21 -4.03 -10.03
N ALA A 72 -0.78 -4.02 -10.93
CA ALA A 72 -1.70 -5.16 -11.02
C ALA A 72 -0.95 -6.43 -11.41
N VAL A 73 0.08 -6.31 -12.26
CA VAL A 73 0.89 -7.46 -12.62
C VAL A 73 1.53 -8.06 -11.37
N CYS A 74 2.12 -7.19 -10.54
CA CYS A 74 2.71 -7.61 -9.27
C CYS A 74 1.67 -8.23 -8.35
N PHE A 75 0.54 -7.54 -8.14
CA PHE A 75 -0.44 -8.02 -7.17
C PHE A 75 -1.07 -9.33 -7.61
N GLU A 76 -1.39 -9.46 -8.90
CA GLU A 76 -1.97 -10.72 -9.37
C GLU A 76 -1.01 -11.89 -9.16
N GLU A 77 0.27 -11.69 -9.46
CA GLU A 77 1.22 -12.79 -9.26
C GLU A 77 1.32 -13.18 -7.79
N LEU A 78 1.28 -12.23 -6.87
CA LEU A 78 1.29 -12.59 -5.42
C LEU A 78 -0.02 -13.28 -5.00
N CYS A 79 -1.18 -12.71 -5.33
CA CYS A 79 -2.50 -13.23 -4.88
C CYS A 79 -2.79 -14.62 -5.45
N GLN A 80 -2.31 -14.90 -6.66
CA GLN A 80 -2.61 -16.19 -7.32
C GLN A 80 -1.59 -17.25 -6.90
N ASN A 81 -0.65 -16.89 -6.04
CA ASN A 81 0.45 -17.84 -5.70
C ASN A 81 0.69 -17.93 -4.19
N GLY A 82 -0.31 -17.66 -3.36
CA GLY A 82 -0.13 -17.92 -1.92
C GLY A 82 -0.25 -16.74 -0.97
N ALA A 83 -0.21 -15.50 -1.47
CA ALA A 83 -0.23 -14.38 -0.51
C ALA A 83 -1.60 -14.32 0.16
N LYS A 84 -1.63 -13.99 1.44
CA LYS A 84 -2.91 -13.92 2.20
C LYS A 84 -3.16 -12.48 2.68
N VAL A 85 -2.11 -11.69 2.88
CA VAL A 85 -2.21 -10.33 3.37
C VAL A 85 -1.24 -9.51 2.54
N ILE A 86 -1.72 -8.40 1.98
CA ILE A 86 -0.85 -7.47 1.28
C ILE A 86 -1.09 -6.09 1.87
N ILE A 87 -0.04 -5.46 2.38
CA ILE A 87 -0.11 -4.09 2.87
C ILE A 87 0.75 -3.23 1.96
N ARG A 88 0.16 -2.17 1.42
CA ARG A 88 0.90 -1.17 0.66
C ARG A 88 1.31 -0.02 1.57
N ALA A 89 2.61 0.30 1.54
CA ALA A 89 3.14 1.49 2.19
C ALA A 89 3.69 2.40 1.11
N GLY A 90 3.24 3.66 1.10
CA GLY A 90 3.64 4.52 0.01
C GLY A 90 3.44 5.98 0.33
N SER A 91 3.50 6.81 -0.71
CA SER A 91 3.34 8.23 -0.56
C SER A 91 1.99 8.65 -1.11
N CYS A 92 1.55 9.86 -0.73
CA CYS A 92 0.27 10.37 -1.21
C CYS A 92 0.27 11.89 -1.12
N GLY A 93 -0.74 12.49 -1.75
CA GLY A 93 -0.95 13.92 -1.69
C GLY A 93 -2.19 14.23 -0.86
N SER A 94 -2.16 15.35 -0.16
CA SER A 94 -3.27 15.71 0.72
C SER A 94 -4.41 16.32 -0.08
N LEU A 95 -5.61 15.79 0.13
CA LEU A 95 -6.84 16.38 -0.39
C LEU A 95 -7.54 17.26 0.64
N GLN A 96 -7.00 17.37 1.84
CA GLN A 96 -7.51 18.25 2.89
C GLN A 96 -6.29 19.01 3.41
N PRO A 97 -5.77 19.96 2.62
CA PRO A 97 -4.56 20.67 3.07
C PRO A 97 -4.62 21.50 4.35
N ASP A 98 -5.81 21.87 4.83
CA ASP A 98 -5.91 22.58 6.10
C ASP A 98 -5.83 21.65 7.29
N LEU A 99 -6.09 20.36 7.09
CA LEU A 99 -6.10 19.38 8.17
C LEU A 99 -4.99 18.36 8.06
N ILE A 100 -4.65 17.92 6.85
CA ILE A 100 -3.66 16.88 6.61
C ILE A 100 -2.47 17.53 5.93
N LYS A 101 -1.34 17.59 6.63
CA LYS A 101 -0.17 18.36 6.21
C LYS A 101 0.96 17.43 5.77
N ARG A 102 1.97 18.04 5.15
CA ARG A 102 3.15 17.31 4.71
C ARG A 102 3.72 16.51 5.88
N GLY A 103 4.11 15.27 5.60
CA GLY A 103 4.61 14.38 6.61
C GLY A 103 3.56 13.60 7.37
N ASP A 104 2.31 14.06 7.38
CA ASP A 104 1.26 13.31 8.08
C ASP A 104 1.07 11.94 7.46
N ILE A 105 0.59 11.00 8.27
CA ILE A 105 0.44 9.61 7.88
C ILE A 105 -1.05 9.29 7.85
N CYS A 106 -1.49 8.60 6.79
CA CYS A 106 -2.89 8.23 6.64
C CYS A 106 -3.02 6.73 6.43
N ILE A 107 -3.85 6.09 7.24
CA ILE A 107 -4.20 4.68 7.08
C ILE A 107 -5.58 4.61 6.44
N CYS A 108 -5.65 4.05 5.23
CA CYS A 108 -6.85 4.13 4.41
C CYS A 108 -7.61 2.82 4.39
N ASN A 109 -8.93 2.92 4.49
CA ASN A 109 -9.82 1.76 4.48
C ASN A 109 -10.48 1.52 3.12
N ALA A 110 -10.49 2.49 2.22
CA ALA A 110 -11.19 2.36 0.94
C ALA A 110 -10.60 3.36 -0.04
N ALA A 111 -11.03 3.24 -1.31
CA ALA A 111 -10.37 4.03 -2.34
C ALA A 111 -11.30 4.29 -3.52
N VAL A 112 -11.08 5.42 -4.19
CA VAL A 112 -11.78 5.77 -5.43
C VAL A 112 -11.10 5.06 -6.59
N ARG A 113 -11.90 4.41 -7.45
CA ARG A 113 -11.36 3.53 -8.50
C ARG A 113 -11.14 4.30 -9.80
N GLU A 114 -10.25 5.28 -9.77
CA GLU A 114 -9.99 6.08 -10.96
C GLU A 114 -8.85 5.37 -11.69
N ASP A 115 -9.02 4.14 -12.05
CA ASP A 115 -8.03 3.38 -12.79
C ASP A 115 -8.83 2.76 -13.94
N ARG A 116 -8.19 1.87 -14.70
CA ARG A 116 -8.91 1.05 -15.67
C ARG A 116 -8.94 -0.44 -15.34
N VAL A 117 -7.85 -1.00 -14.81
CA VAL A 117 -7.77 -2.44 -14.66
C VAL A 117 -8.85 -2.96 -13.70
N SER A 118 -9.15 -2.22 -12.61
CA SER A 118 -10.21 -2.70 -11.73
C SER A 118 -11.52 -2.83 -12.49
N HIS A 119 -11.79 -1.88 -13.41
CA HIS A 119 -13.02 -1.93 -14.19
C HIS A 119 -13.00 -3.05 -15.23
N LEU A 120 -11.82 -3.44 -15.68
CA LEU A 120 -11.72 -4.61 -16.56
C LEU A 120 -11.89 -5.91 -15.79
N LEU A 121 -11.86 -5.87 -14.45
CA LEU A 121 -12.06 -7.04 -13.60
C LEU A 121 -13.47 -7.15 -13.04
N ILE A 122 -14.11 -6.03 -12.70
CA ILE A 122 -15.44 -6.06 -12.08
C ILE A 122 -16.11 -4.72 -12.33
N HIS A 123 -17.45 -4.72 -12.35
CA HIS A 123 -18.21 -3.52 -12.67
C HIS A 123 -17.87 -2.36 -11.72
N GLY A 124 -17.97 -1.14 -12.25
CA GLY A 124 -17.58 0.04 -11.49
C GLY A 124 -18.35 0.27 -10.21
N ASP A 125 -19.57 -0.26 -10.08
CA ASP A 125 -20.33 -0.07 -8.85
C ASP A 125 -19.69 -0.77 -7.66
N PHE A 126 -18.78 -1.72 -7.90
CA PHE A 126 -18.17 -2.51 -6.83
C PHE A 126 -17.20 -1.64 -6.02
N PRO A 127 -17.20 -1.76 -4.68
CA PRO A 127 -16.34 -0.90 -3.87
C PRO A 127 -14.90 -1.39 -3.83
N ALA A 128 -13.96 -0.45 -3.89
CA ALA A 128 -12.56 -0.73 -3.53
C ALA A 128 -12.44 -0.52 -2.03
N VAL A 129 -12.31 -1.62 -1.29
CA VAL A 129 -12.34 -1.55 0.16
C VAL A 129 -11.27 -2.48 0.73
N GLY A 130 -10.63 -2.03 1.81
CA GLY A 130 -9.61 -2.83 2.45
C GLY A 130 -10.19 -3.79 3.48
N ASP A 131 -9.33 -4.70 3.94
CA ASP A 131 -9.70 -5.61 5.01
C ASP A 131 -9.65 -4.86 6.34
N PHE A 132 -10.74 -4.94 7.10
N PHE A 132 -10.70 -5.03 7.17
CA PHE A 132 -10.86 -4.09 8.28
CA PHE A 132 -10.77 -4.35 8.46
C PHE A 132 -10.00 -4.57 9.44
C PHE A 132 -9.65 -4.78 9.39
N ASP A 133 -9.52 -5.82 9.39
N ASP A 133 -9.43 -6.09 9.53
CA ASP A 133 -8.56 -6.29 10.39
CA ASP A 133 -8.39 -6.57 10.45
C ASP A 133 -7.14 -5.81 10.09
C ASP A 133 -7.03 -5.98 10.10
N VAL A 134 -6.76 -5.79 8.80
CA VAL A 134 -5.49 -5.20 8.41
C VAL A 134 -5.47 -3.72 8.80
N TYR A 135 -6.55 -3.01 8.49
CA TYR A 135 -6.71 -1.63 8.89
C TYR A 135 -6.57 -1.47 10.41
N ASP A 136 -7.26 -2.32 11.16
CA ASP A 136 -7.20 -2.24 12.61
C ASP A 136 -5.78 -2.52 13.12
N THR A 137 -5.06 -3.47 12.49
CA THR A 137 -3.70 -3.77 12.93
C THR A 137 -2.77 -2.58 12.71
N LEU A 138 -2.88 -1.91 11.56
CA LEU A 138 -2.05 -0.74 11.29
C LEU A 138 -2.35 0.37 12.29
N ASN A 139 -3.64 0.61 12.57
CA ASN A 139 -4.00 1.62 13.57
C ASN A 139 -3.44 1.28 14.94
N LYS A 140 -3.54 0.03 15.33
CA LYS A 140 -3.08 -0.36 16.68
C LYS A 140 -1.56 -0.24 16.80
N CYS A 141 -0.83 -0.58 15.74
N CYS A 141 -0.83 -0.57 15.73
CA CYS A 141 0.65 -0.48 15.76
CA CYS A 141 0.65 -0.49 15.76
C CYS A 141 1.08 0.98 15.88
C CYS A 141 1.08 0.97 15.88
N ALA A 142 0.30 1.88 15.29
CA ALA A 142 0.62 3.33 15.38
C ALA A 142 0.37 3.83 16.81
N GLN A 143 -0.75 3.44 17.40
CA GLN A 143 -1.11 3.84 18.78
C GLN A 143 0.00 3.36 19.71
N GLU A 144 0.37 2.09 19.57
CA GLU A 144 1.46 1.51 20.40
CA GLU A 144 1.46 1.51 20.40
C GLU A 144 2.79 2.29 20.32
N LEU A 145 3.06 2.82 19.13
CA LEU A 145 4.31 3.59 18.93
C LEU A 145 4.03 5.06 19.17
N ASN A 146 2.83 5.38 19.63
N ASN A 146 2.83 5.38 19.63
CA ASN A 146 2.46 6.78 19.92
CA ASN A 146 2.46 6.78 19.92
C ASN A 146 2.72 7.64 18.69
C ASN A 146 2.72 7.64 18.69
N VAL A 147 2.24 7.20 17.53
CA VAL A 147 2.42 7.97 16.27
C VAL A 147 1.05 8.42 15.78
N PRO A 148 0.78 9.76 15.77
CA PRO A 148 -0.50 10.28 15.32
C PRO A 148 -0.72 9.92 13.86
N VAL A 149 -1.95 9.56 13.52
CA VAL A 149 -2.29 9.15 12.13
C VAL A 149 -3.68 9.64 11.78
N PHE A 150 -3.96 9.72 10.50
CA PHE A 150 -5.31 10.03 10.04
C PHE A 150 -5.88 8.78 9.36
N ASN A 151 -7.19 8.74 9.23
CA ASN A 151 -7.85 7.62 8.53
C ASN A 151 -8.80 8.22 7.49
N GLY A 152 -8.91 7.58 6.34
CA GLY A 152 -9.86 8.04 5.35
C GLY A 152 -9.74 7.30 4.03
N ILE A 153 -10.46 7.81 3.05
CA ILE A 153 -10.51 7.26 1.69
C ILE A 153 -9.41 7.89 0.86
N SER A 154 -8.77 7.08 0.03
CA SER A 154 -7.78 7.55 -0.92
C SER A 154 -8.39 7.60 -2.32
N VAL A 155 -8.08 8.66 -3.06
CA VAL A 155 -8.36 8.68 -4.48
C VAL A 155 -7.18 8.02 -5.18
N SER A 156 -7.45 6.91 -5.87
CA SER A 156 -6.40 6.24 -6.66
C SER A 156 -6.57 6.68 -8.13
N SER A 157 -5.72 7.59 -8.61
CA SER A 157 -5.86 8.17 -9.98
C SER A 157 -4.73 7.76 -10.92
N ASP A 158 -5.08 7.43 -12.16
CA ASP A 158 -4.07 7.06 -13.17
C ASP A 158 -3.43 8.32 -13.79
N MET A 159 -3.92 9.49 -13.39
CA MET A 159 -3.38 10.74 -13.98
C MET A 159 -2.62 11.55 -12.94
N TYR A 160 -1.29 11.51 -13.01
CA TYR A 160 -0.47 12.33 -12.13
C TYR A 160 -0.32 13.75 -12.67
N TYR A 161 -0.03 13.87 -13.97
CA TYR A 161 0.08 15.18 -14.61
C TYR A 161 -1.22 15.51 -15.34
N PRO A 162 -2.04 16.42 -14.83
CA PRO A 162 -3.29 16.76 -15.52
C PRO A 162 -3.03 17.68 -16.70
N ASN A 163 -3.99 17.68 -17.63
CA ASN A 163 -4.00 18.64 -18.72
C ASN A 163 -5.17 19.59 -18.50
N LYS A 164 -5.36 20.50 -19.45
CA LYS A 164 -6.34 21.58 -19.19
C LYS A 164 -7.65 21.38 -19.94
N ILE A 165 -7.90 20.21 -20.51
CA ILE A 165 -9.14 20.05 -21.31
C ILE A 165 -10.22 19.43 -20.44
N ILE A 166 -9.92 18.30 -19.83
CA ILE A 166 -10.89 17.61 -18.95
C ILE A 166 -10.56 17.95 -17.50
N PRO A 167 -11.49 18.56 -16.76
CA PRO A 167 -11.25 18.87 -15.38
C PRO A 167 -10.94 17.63 -14.52
N SER A 168 -9.97 17.77 -13.62
CA SER A 168 -9.66 16.67 -12.67
C SER A 168 -10.77 16.62 -11.66
N ARG A 169 -11.05 15.42 -11.21
CA ARG A 169 -12.09 15.21 -10.20
C ARG A 169 -11.56 15.34 -8.77
N LEU A 170 -10.30 15.75 -8.60
CA LEU A 170 -9.71 15.77 -7.27
C LEU A 170 -10.45 16.74 -6.35
N GLU A 171 -10.85 17.90 -6.87
CA GLU A 171 -11.61 18.83 -6.02
C GLU A 171 -12.98 18.25 -5.67
N ASP A 172 -13.64 17.59 -6.63
CA ASP A 172 -14.90 16.90 -6.33
C ASP A 172 -14.73 15.92 -5.18
N TYR A 173 -13.70 15.07 -5.26
CA TYR A 173 -13.50 14.05 -4.24
C TYR A 173 -13.06 14.66 -2.90
N SER A 174 -12.32 15.76 -2.94
CA SER A 174 -12.02 16.50 -1.72
C SER A 174 -13.29 16.97 -1.03
N LYS A 175 -14.23 17.54 -1.80
CA LYS A 175 -15.51 17.96 -1.24
C LYS A 175 -16.30 16.76 -0.71
N ALA A 176 -16.09 15.58 -1.30
CA ALA A 176 -16.71 14.35 -0.86
C ALA A 176 -15.99 13.73 0.34
N ASN A 177 -14.98 14.40 0.88
CA ASN A 177 -14.24 14.04 2.10
C ASN A 177 -13.25 12.91 1.88
N ALA A 178 -12.79 12.70 0.64
CA ALA A 178 -11.64 11.87 0.44
C ALA A 178 -10.44 12.54 1.09
N ALA A 179 -9.58 11.74 1.69
CA ALA A 179 -8.49 12.29 2.49
C ALA A 179 -7.24 12.60 1.66
N VAL A 180 -6.81 11.66 0.81
CA VAL A 180 -5.53 11.72 0.13
C VAL A 180 -5.69 11.18 -1.28
N VAL A 181 -4.66 11.38 -2.11
CA VAL A 181 -4.61 10.87 -3.47
C VAL A 181 -3.30 10.11 -3.64
N GLU A 182 -3.36 9.01 -4.38
CA GLU A 182 -2.20 8.24 -4.79
C GLU A 182 -2.65 7.40 -5.98
N MET A 183 -1.84 6.43 -6.39
CA MET A 183 -2.11 5.79 -7.71
C MET A 183 -2.23 4.27 -7.73
N GLU A 184 -2.41 3.58 -6.60
CA GLU A 184 -2.41 2.14 -6.67
C GLU A 184 -3.43 1.45 -5.74
N LEU A 185 -3.92 2.14 -4.72
CA LEU A 185 -4.55 1.47 -3.54
C LEU A 185 -5.83 0.78 -4.08
N ALA A 186 -6.60 1.50 -4.90
CA ALA A 186 -7.87 0.92 -5.32
C ALA A 186 -7.66 -0.36 -6.12
N THR A 187 -6.62 -0.39 -6.95
CA THR A 187 -6.30 -1.57 -7.72
C THR A 187 -5.96 -2.75 -6.80
N LEU A 188 -5.10 -2.51 -5.81
CA LEU A 188 -4.78 -3.54 -4.81
C LEU A 188 -6.04 -4.04 -4.12
N MET A 189 -6.91 -3.14 -3.70
CA MET A 189 -8.12 -3.56 -2.94
C MET A 189 -9.05 -4.44 -3.79
N VAL A 190 -9.35 -4.05 -5.03
CA VAL A 190 -10.28 -4.86 -5.85
C VAL A 190 -9.66 -6.22 -6.13
N ILE A 191 -8.39 -6.22 -6.52
CA ILE A 191 -7.71 -7.51 -6.84
C ILE A 191 -7.75 -8.38 -5.58
N GLY A 192 -7.47 -7.77 -4.42
CA GLY A 192 -7.50 -8.56 -3.19
C GLY A 192 -8.87 -9.15 -2.90
N THR A 193 -9.92 -8.33 -3.06
CA THR A 193 -11.28 -8.82 -2.80
C THR A 193 -11.62 -9.96 -3.74
N LEU A 194 -11.32 -9.79 -5.04
CA LEU A 194 -11.62 -10.83 -6.02
C LEU A 194 -10.85 -12.11 -5.76
N ARG A 195 -9.64 -12.00 -5.22
CA ARG A 195 -8.76 -13.15 -5.05
C ARG A 195 -8.74 -13.68 -3.63
N LYS A 196 -9.59 -13.14 -2.75
CA LYS A 196 -9.63 -13.54 -1.34
C LYS A 196 -8.29 -13.27 -0.63
N VAL A 197 -7.76 -12.07 -0.83
CA VAL A 197 -6.53 -11.63 -0.16
C VAL A 197 -6.86 -10.38 0.64
N LYS A 198 -6.40 -10.34 1.89
CA LYS A 198 -6.68 -9.23 2.78
C LYS A 198 -5.69 -8.10 2.48
N THR A 199 -6.19 -6.89 2.27
CA THR A 199 -5.32 -5.80 1.86
C THR A 199 -5.48 -4.60 2.79
N GLY A 200 -4.45 -3.74 2.76
CA GLY A 200 -4.50 -2.49 3.50
C GLY A 200 -3.49 -1.52 2.93
N GLY A 201 -3.55 -0.28 3.42
CA GLY A 201 -2.68 0.75 2.91
C GLY A 201 -2.33 1.80 3.94
N ILE A 202 -1.05 2.15 4.05
CA ILE A 202 -0.60 3.22 4.91
C ILE A 202 0.28 4.14 4.06
N LEU A 203 0.05 5.45 4.17
CA LEU A 203 0.58 6.42 3.24
C LEU A 203 1.07 7.66 3.98
N ILE A 204 2.15 8.27 3.48
CA ILE A 204 2.69 9.50 4.05
C ILE A 204 2.53 10.63 3.03
N VAL A 205 2.06 11.79 3.52
CA VAL A 205 1.77 12.92 2.64
C VAL A 205 3.07 13.58 2.22
N ASP A 206 3.26 13.78 0.91
CA ASP A 206 4.47 14.45 0.42
C ASP A 206 4.14 15.62 -0.51
N GLY A 207 2.92 16.13 -0.47
CA GLY A 207 2.50 17.20 -1.36
C GLY A 207 1.00 17.36 -1.31
N CYS A 208 0.53 18.35 -2.08
CA CYS A 208 -0.90 18.64 -2.19
C CYS A 208 -1.15 19.05 -3.65
N PRO A 209 -2.16 18.48 -4.30
CA PRO A 209 -2.46 18.90 -5.68
C PRO A 209 -3.09 20.28 -5.78
N PHE A 210 -3.44 20.89 -4.66
CA PHE A 210 -4.07 22.20 -4.64
C PHE A 210 -3.05 23.26 -4.21
N LYS A 211 -3.48 24.47 -4.14
CA LYS A 211 -2.73 25.58 -3.55
C LYS A 211 -2.13 25.19 -2.20
N VAL A 222 9.69 14.69 8.64
CA VAL A 222 9.43 14.00 7.35
C VAL A 222 10.28 12.74 7.29
N PRO A 223 11.62 12.84 7.42
CA PRO A 223 12.43 11.64 7.49
C PRO A 223 11.99 10.94 8.78
N HIS A 224 11.74 11.73 9.83
CA HIS A 224 11.25 11.15 11.10
C HIS A 224 9.88 10.51 10.88
N GLN A 225 9.03 11.21 10.13
CA GLN A 225 7.68 10.69 9.82
C GLN A 225 7.77 9.43 8.94
N LEU A 226 8.64 9.44 7.95
CA LEU A 226 8.81 8.25 7.07
C LEU A 226 9.30 7.06 7.91
N GLU A 227 10.26 7.30 8.79
CA GLU A 227 10.77 6.22 9.67
C GLU A 227 9.60 5.67 10.49
N ASN A 228 8.78 6.57 11.03
CA ASN A 228 7.61 6.16 11.83
C ASN A 228 6.66 5.32 10.97
N MET A 229 6.36 5.81 9.75
CA MET A 229 5.42 5.07 8.91
C MET A 229 5.96 3.67 8.59
N ILE A 230 7.26 3.58 8.29
CA ILE A 230 7.87 2.29 8.01
C ILE A 230 7.81 1.37 9.23
N LYS A 231 8.09 1.92 10.41
CA LYS A 231 7.98 1.11 11.64
C LYS A 231 6.56 0.59 11.82
N ILE A 232 5.56 1.44 11.57
CA ILE A 232 4.16 1.00 11.67
C ILE A 232 3.90 -0.12 10.69
N ALA A 233 4.31 0.06 9.42
CA ALA A 233 4.08 -0.95 8.40
C ALA A 233 4.77 -2.26 8.75
N LEU A 234 6.05 -2.19 9.16
CA LEU A 234 6.75 -3.40 9.57
C LEU A 234 6.12 -4.02 10.81
N GLY A 235 5.76 -3.19 11.79
CA GLY A 235 5.09 -3.71 12.97
C GLY A 235 3.83 -4.48 12.64
N ALA A 236 3.01 -3.95 11.72
CA ALA A 236 1.77 -4.62 11.38
C ALA A 236 2.02 -5.90 10.60
N CYS A 237 3.00 -5.89 9.70
CA CYS A 237 3.32 -7.12 8.96
C CYS A 237 3.68 -8.27 9.92
N ALA A 238 4.52 -7.98 10.88
CA ALA A 238 4.94 -9.01 11.86
C ALA A 238 3.76 -9.53 12.67
N LYS A 239 2.89 -8.63 13.12
CA LYS A 239 1.68 -9.03 13.89
C LYS A 239 0.81 -9.97 13.06
N LEU A 240 0.52 -9.60 11.81
CA LEU A 240 -0.30 -10.45 10.92
C LEU A 240 0.46 -11.75 10.58
N ALA A 241 1.76 -11.64 10.33
CA ALA A 241 2.50 -12.86 9.97
C ALA A 241 2.44 -13.89 11.09
N THR A 242 2.39 -13.42 12.34
CA THR A 242 2.34 -14.34 13.48
C THR A 242 1.17 -15.30 13.38
N LYS A 243 0.02 -14.82 12.89
CA LYS A 243 -1.18 -15.66 12.79
C LYS A 243 -0.98 -16.82 11.84
N TYR A 244 -0.25 -16.61 10.74
CA TYR A 244 -0.10 -17.64 9.71
C TYR A 244 1.06 -18.59 9.98
N ALA A 245 2.00 -18.23 10.84
CA ALA A 245 3.17 -19.08 11.11
C ALA A 245 2.80 -20.34 11.87
#